data_6GVY
#
_entry.id   6GVY
#
_cell.length_a   94.073
_cell.length_b   94.073
_cell.length_c   99.806
_cell.angle_alpha   90.00
_cell.angle_beta   90.00
_cell.angle_gamma   120.00
#
_symmetry.space_group_name_H-M   'P 32 2 1'
#
loop_
_entity.id
_entity.type
_entity.pdbx_description
1 polymer 'Genome polyprotein'
2 polymer "RNA (5'-R(P*CP*CP*GP*GP*G)-3')"
3 polymer "RNA (5'-R(P*CP*UP*CP*CP*CP*GP*GP*G)-3')"
4 non-polymer GLYCEROL
5 water water
#
loop_
_entity_poly.entity_id
_entity_poly.type
_entity_poly.pdbx_seq_one_letter_code
_entity_poly.pdbx_strand_id
1 'polypeptide(L)'
;GLIVDTRDVEERVHVARKTKLAPTVAHGVFNPEFGPAALSNKDPRLNEGVVLDEVIFSKHKGDTKMSAEDKALFRRCAAD
YASRLHSVLGTANAPLSIYEAIKGVDGLDAMEPDTAPGLPWALQGKRRGALIDFENGTVGPEVEAALKLMEKREYKFACQ
TFLKDEIRPMEKVRAGKTRIVDVLPVEHILYTRMMIGRFCAQMHSNNGPQIGSAVGCNPDVDWQRFGTHFAQYRNVWDVD
YSAFDANHCSDAMNIMFEEVFRTEFGFHPNAEWILKTLVNTEHAYENKRITVEGGMPSGCSATSIINTILNNIYVLYALR
RHYEGVELDTYTMISYGDDIVVASDYDLDFEALKPHFKSLGQTITPADKSDKGFVLGHSITDVTFLKRHFHMDYGTGFYK
PVMASKTLEAILSFARRGTIQEKLISVAGLAVHSGPDEYRRLFEPFQGLFEIPSYRSLYLRWVNAVCGDAAAALEHHHHH
H
;
A
2 'polyribonucleotide' CCGGG B
3 'polyribonucleotide' CUCCCGGG C
#
# COMPACT_ATOMS: atom_id res chain seq x y z
N GLY A 1 -0.62 16.26 4.31
CA GLY A 1 -1.73 17.19 4.67
C GLY A 1 -1.25 18.39 5.48
N LEU A 2 -2.19 19.32 5.73
CA LEU A 2 -1.92 20.54 6.46
C LEU A 2 -2.36 20.37 7.92
N ILE A 3 -1.41 20.57 8.84
CA ILE A 3 -1.71 20.58 10.26
C ILE A 3 -2.37 21.94 10.57
N VAL A 4 -3.60 21.90 11.11
CA VAL A 4 -4.38 23.10 11.36
C VAL A 4 -4.45 23.39 12.87
N ASP A 5 -4.17 22.38 13.71
CA ASP A 5 -4.26 22.52 15.17
C ASP A 5 -3.55 21.33 15.84
N THR A 6 -2.82 21.61 16.93
CA THR A 6 -2.03 20.61 17.64
C THR A 6 -2.12 20.83 19.16
N ARG A 7 -3.33 20.98 19.70
CA ARG A 7 -3.48 21.26 21.13
C ARG A 7 -2.98 20.04 21.91
N ASP A 8 -2.33 20.29 23.05
CA ASP A 8 -1.98 19.25 24.03
C ASP A 8 -3.27 18.85 24.76
N VAL A 9 -3.29 17.65 25.33
CA VAL A 9 -4.55 17.07 25.80
C VAL A 9 -4.31 16.15 27.01
N GLU A 10 -5.39 16.02 27.80
CA GLU A 10 -5.49 15.22 29.04
C GLU A 10 -5.03 13.77 28.83
N GLU A 11 -5.85 12.99 28.10
CA GLU A 11 -5.68 11.54 27.94
C GLU A 11 -4.41 11.30 27.11
N ARG A 12 -3.78 10.13 27.33
CA ARG A 12 -2.47 9.81 26.75
C ARG A 12 -2.52 8.41 26.12
N VAL A 13 -2.19 8.34 24.83
CA VAL A 13 -2.11 7.11 24.05
C VAL A 13 -0.64 6.71 23.88
N HIS A 14 -0.12 5.89 24.81
CA HIS A 14 1.28 5.48 24.82
C HIS A 14 1.46 4.30 23.86
N VAL A 15 2.55 4.34 23.07
CA VAL A 15 2.70 3.57 21.82
C VAL A 15 3.20 2.15 22.09
N ALA A 16 4.53 1.95 22.16
CA ALA A 16 5.15 0.63 22.01
C ALA A 16 6.59 0.65 22.55
N ARG A 17 7.38 1.61 22.05
CA ARG A 17 8.66 2.04 22.64
C ARG A 17 9.84 1.16 22.19
N LYS A 18 9.65 -0.16 22.17
CA LYS A 18 10.76 -1.08 21.89
C LYS A 18 10.33 -2.15 20.89
N THR A 19 11.29 -2.52 20.02
CA THR A 19 11.06 -3.42 18.90
C THR A 19 10.93 -4.87 19.41
N LYS A 20 10.17 -5.66 18.64
CA LYS A 20 10.08 -7.11 18.84
C LYS A 20 11.03 -7.82 17.87
N LEU A 21 11.66 -7.07 16.96
CA LEU A 21 12.52 -7.65 15.93
C LEU A 21 13.93 -7.81 16.49
N ALA A 22 14.30 -9.07 16.77
CA ALA A 22 15.61 -9.42 17.31
C ALA A 22 16.49 -10.01 16.21
N PRO A 23 17.81 -9.77 16.22
CA PRO A 23 18.69 -10.30 15.18
C PRO A 23 18.67 -11.84 15.14
N THR A 24 18.91 -12.40 13.96
CA THR A 24 19.06 -13.83 13.75
C THR A 24 20.54 -14.13 13.53
N VAL A 25 20.87 -15.43 13.46
CA VAL A 25 22.22 -15.90 13.16
C VAL A 25 22.72 -15.30 11.85
N ALA A 26 21.80 -15.00 10.93
CA ALA A 26 22.11 -14.44 9.62
C ALA A 26 22.73 -13.04 9.75
N HIS A 27 22.30 -12.29 10.77
CA HIS A 27 22.76 -10.91 10.98
C HIS A 27 24.30 -10.86 11.05
N GLY A 28 24.87 -11.79 11.81
CA GLY A 28 26.31 -11.88 12.03
C GLY A 28 27.08 -12.20 10.76
N VAL A 29 26.40 -12.78 9.77
CA VAL A 29 27.02 -13.23 8.53
C VAL A 29 26.94 -12.11 7.47
N PHE A 30 25.75 -11.50 7.33
CA PHE A 30 25.46 -10.55 6.24
C PHE A 30 25.68 -9.10 6.68
N ASN A 31 25.59 -8.84 7.99
CA ASN A 31 25.78 -7.50 8.57
C ASN A 31 25.12 -6.45 7.67
N PRO A 32 23.78 -6.51 7.47
CA PRO A 32 23.08 -5.62 6.54
C PRO A 32 23.01 -4.17 7.05
N GLU A 33 23.00 -3.21 6.13
CA GLU A 33 22.80 -1.78 6.45
C GLU A 33 21.29 -1.52 6.55
N PHE A 34 20.69 -2.19 7.54
CA PHE A 34 19.26 -2.26 7.79
C PHE A 34 19.08 -2.65 9.26
N GLY A 35 18.12 -2.02 9.94
CA GLY A 35 17.77 -2.39 11.32
C GLY A 35 16.37 -1.93 11.69
N PRO A 36 15.85 -2.34 12.88
CA PRO A 36 14.51 -1.95 13.32
C PRO A 36 14.37 -0.42 13.43
N ALA A 37 13.19 0.10 13.07
CA ALA A 37 12.92 1.52 13.18
C ALA A 37 13.08 1.97 14.64
N ALA A 38 13.42 3.25 14.83
CA ALA A 38 13.45 3.86 16.14
C ALA A 38 12.00 4.01 16.66
N LEU A 39 11.72 3.41 17.82
CA LEU A 39 10.41 3.43 18.45
C LEU A 39 10.43 4.30 19.71
N SER A 40 11.61 4.41 20.34
CA SER A 40 11.82 5.31 21.49
C SER A 40 12.46 6.62 21.01
N ASN A 41 12.12 7.71 21.71
CA ASN A 41 12.62 9.06 21.40
C ASN A 41 14.08 9.19 21.87
N LYS A 42 14.54 8.21 22.66
CA LYS A 42 15.86 8.22 23.27
C LYS A 42 16.69 7.02 22.78
N ASP A 43 16.38 6.51 21.58
CA ASP A 43 17.09 5.37 21.02
C ASP A 43 18.54 5.79 20.75
N PRO A 44 19.56 5.11 21.32
CA PRO A 44 20.96 5.51 21.15
C PRO A 44 21.48 5.44 19.71
N ARG A 45 20.84 4.60 18.88
CA ARG A 45 21.14 4.46 17.46
C ARG A 45 20.77 5.73 16.69
N LEU A 46 19.89 6.57 17.26
CA LEU A 46 19.49 7.84 16.64
C LEU A 46 20.69 8.77 16.51
N ASN A 47 20.58 9.72 15.58
CA ASN A 47 21.45 10.90 15.55
C ASN A 47 21.13 11.76 16.77
N GLU A 48 22.17 12.22 17.47
CA GLU A 48 22.00 13.02 18.69
C GLU A 48 21.23 14.30 18.35
N GLY A 49 20.40 14.76 19.30
CA GLY A 49 19.64 16.00 19.18
C GLY A 49 18.68 15.98 18.01
N VAL A 50 17.94 14.86 17.87
CA VAL A 50 16.91 14.69 16.85
C VAL A 50 15.72 13.96 17.51
N VAL A 51 14.64 14.71 17.77
CA VAL A 51 13.50 14.21 18.53
C VAL A 51 12.55 13.47 17.58
N LEU A 52 12.09 12.30 18.02
CA LEU A 52 11.37 11.34 17.18
C LEU A 52 9.98 11.87 16.84
N ASP A 53 9.37 12.62 17.76
CA ASP A 53 7.97 13.08 17.63
C ASP A 53 7.82 14.09 16.48
N GLU A 54 8.88 14.86 16.18
CA GLU A 54 8.85 15.90 15.15
C GLU A 54 8.82 15.28 13.76
N VAL A 55 9.83 14.45 13.48
CA VAL A 55 10.09 13.91 12.13
C VAL A 55 8.92 13.04 11.66
N ILE A 56 8.25 12.38 12.60
CA ILE A 56 7.07 11.54 12.33
C ILE A 56 6.04 12.31 11.48
N PHE A 57 5.84 13.59 11.79
CA PHE A 57 4.74 14.39 11.23
C PHE A 57 5.26 15.42 10.21
N SER A 58 6.58 15.44 9.96
CA SER A 58 7.19 16.38 9.02
C SER A 58 6.66 16.14 7.59
N LYS A 59 6.10 14.95 7.35
CA LYS A 59 5.52 14.59 6.05
C LYS A 59 4.33 15.48 5.71
N HIS A 60 3.70 16.07 6.74
CA HIS A 60 2.56 16.98 6.57
C HIS A 60 3.06 18.40 6.25
N LYS A 61 3.32 18.63 4.96
CA LYS A 61 3.92 19.87 4.45
C LYS A 61 2.85 20.88 4.02
N GLY A 62 1.59 20.46 3.98
CA GLY A 62 0.48 21.31 3.54
C GLY A 62 -0.51 20.58 2.65
N ASP A 63 -1.58 21.28 2.30
CA ASP A 63 -2.70 20.75 1.55
C ASP A 63 -2.89 21.59 0.30
N THR A 64 -2.25 21.18 -0.80
CA THR A 64 -2.22 21.87 -2.08
C THR A 64 -3.64 22.16 -2.56
N LYS A 65 -3.93 23.46 -2.77
CA LYS A 65 -5.21 23.89 -3.33
C LYS A 65 -5.04 23.95 -4.86
N MET A 66 -6.06 23.46 -5.57
CA MET A 66 -6.02 23.42 -7.03
C MET A 66 -6.96 24.50 -7.58
N SER A 67 -6.65 25.00 -8.78
CA SER A 67 -7.47 25.99 -9.46
C SER A 67 -8.77 25.34 -9.95
N ALA A 68 -9.78 26.18 -10.20
CA ALA A 68 -11.04 25.77 -10.78
C ALA A 68 -10.77 24.92 -12.03
N GLU A 69 -9.82 25.37 -12.86
CA GLU A 69 -9.52 24.72 -14.15
C GLU A 69 -8.81 23.38 -13.93
N ASP A 70 -7.89 23.32 -12.95
CA ASP A 70 -7.14 22.10 -12.63
C ASP A 70 -8.10 21.06 -12.02
N LYS A 71 -9.10 21.53 -11.26
CA LYS A 71 -10.10 20.70 -10.61
C LYS A 71 -11.06 20.12 -11.66
N ALA A 72 -11.48 20.93 -12.63
CA ALA A 72 -12.35 20.49 -13.72
C ALA A 72 -11.63 19.45 -14.59
N LEU A 73 -10.33 19.67 -14.85
CA LEU A 73 -9.50 18.72 -15.57
C LEU A 73 -9.43 17.41 -14.78
N PHE A 74 -9.18 17.53 -13.47
CA PHE A 74 -9.04 16.37 -12.61
C PHE A 74 -10.38 15.62 -12.57
N ARG A 75 -11.49 16.36 -12.49
CA ARG A 75 -12.82 15.78 -12.46
C ARG A 75 -13.03 14.95 -13.74
N ARG A 76 -12.62 15.50 -14.89
CA ARG A 76 -12.73 14.79 -16.16
C ARG A 76 -11.93 13.48 -16.12
N CYS A 77 -10.73 13.52 -15.54
CA CYS A 77 -9.83 12.38 -15.49
C CYS A 77 -10.38 11.30 -14.55
N ALA A 78 -10.91 11.74 -13.40
CA ALA A 78 -11.50 10.87 -12.39
C ALA A 78 -12.68 10.11 -13.00
N ALA A 79 -13.55 10.85 -13.70
CA ALA A 79 -14.75 10.33 -14.34
C ALA A 79 -14.37 9.39 -15.49
N ASP A 80 -13.27 9.70 -16.20
CA ASP A 80 -12.80 8.90 -17.34
C ASP A 80 -12.26 7.55 -16.85
N TYR A 81 -11.46 7.59 -15.78
CA TYR A 81 -10.96 6.37 -15.16
C TYR A 81 -12.12 5.57 -14.56
N ALA A 82 -13.04 6.27 -13.88
CA ALA A 82 -14.21 5.66 -13.27
C ALA A 82 -15.00 4.88 -14.31
N SER A 83 -15.20 5.49 -15.49
CA SER A 83 -15.90 4.87 -16.60
C SER A 83 -15.24 3.54 -16.96
N ARG A 84 -13.92 3.58 -17.15
CA ARG A 84 -13.14 2.39 -17.45
C ARG A 84 -13.30 1.35 -16.32
N LEU A 85 -13.22 1.81 -15.07
CA LEU A 85 -13.23 0.93 -13.92
C LEU A 85 -14.55 0.15 -13.84
N HIS A 86 -15.67 0.89 -13.84
CA HIS A 86 -16.98 0.32 -13.62
C HIS A 86 -17.44 -0.50 -14.84
N SER A 87 -16.87 -0.17 -16.01
CA SER A 87 -17.09 -0.94 -17.22
C SER A 87 -16.57 -2.37 -17.04
N VAL A 88 -15.38 -2.50 -16.45
CA VAL A 88 -14.72 -3.80 -16.27
C VAL A 88 -15.34 -4.54 -15.07
N LEU A 89 -15.62 -3.84 -13.97
CA LEU A 89 -16.05 -4.49 -12.72
C LEU A 89 -17.57 -4.69 -12.66
N GLY A 90 -18.33 -3.98 -13.50
CA GLY A 90 -19.80 -3.95 -13.42
C GLY A 90 -20.26 -2.94 -12.37
N THR A 91 -21.57 -2.89 -12.10
CA THR A 91 -22.16 -1.86 -11.23
C THR A 91 -22.93 -2.48 -10.05
N ALA A 92 -22.60 -3.71 -9.66
CA ALA A 92 -23.20 -4.35 -8.49
C ALA A 92 -22.40 -3.95 -7.25
N ASN A 93 -22.72 -2.77 -6.69
CA ASN A 93 -21.90 -2.15 -5.65
C ASN A 93 -22.75 -1.86 -4.41
N ALA A 94 -23.84 -2.63 -4.25
CA ALA A 94 -24.75 -2.46 -3.15
C ALA A 94 -24.01 -2.81 -1.86
N PRO A 95 -24.39 -2.20 -0.70
CA PRO A 95 -23.74 -2.54 0.56
C PRO A 95 -23.62 -4.04 0.83
N LEU A 96 -22.46 -4.47 1.36
CA LEU A 96 -22.35 -5.76 1.99
C LEU A 96 -23.15 -5.72 3.30
N SER A 97 -23.74 -6.86 3.67
CA SER A 97 -24.30 -7.07 4.99
C SER A 97 -23.20 -6.99 6.05
N ILE A 98 -23.61 -6.89 7.32
CA ILE A 98 -22.68 -6.91 8.47
C ILE A 98 -21.81 -8.17 8.38
N TYR A 99 -22.49 -9.31 8.22
CA TYR A 99 -21.89 -10.65 8.19
C TYR A 99 -20.78 -10.72 7.13
N GLU A 100 -21.09 -10.27 5.91
CA GLU A 100 -20.19 -10.30 4.78
C GLU A 100 -18.97 -9.41 5.07
N ALA A 101 -19.23 -8.19 5.59
CA ALA A 101 -18.17 -7.23 5.87
C ALA A 101 -17.19 -7.80 6.90
N ILE A 102 -17.70 -8.59 7.85
CA ILE A 102 -16.87 -9.20 8.90
C ILE A 102 -16.12 -10.38 8.29
N LYS A 103 -16.85 -11.27 7.62
CA LYS A 103 -16.37 -12.59 7.22
C LYS A 103 -15.69 -12.54 5.84
N GLY A 104 -15.86 -11.41 5.14
CA GLY A 104 -15.33 -11.26 3.79
C GLY A 104 -16.15 -12.07 2.80
N VAL A 105 -15.76 -11.97 1.53
CA VAL A 105 -16.41 -12.65 0.40
C VAL A 105 -15.31 -13.14 -0.54
N ASP A 106 -15.72 -13.72 -1.68
CA ASP A 106 -14.79 -14.07 -2.75
C ASP A 106 -14.09 -12.79 -3.22
N GLY A 107 -12.76 -12.74 -3.06
CA GLY A 107 -11.93 -11.60 -3.47
C GLY A 107 -11.64 -10.62 -2.34
N LEU A 108 -12.26 -10.83 -1.17
CA LEU A 108 -12.12 -9.95 -0.01
C LEU A 108 -11.98 -10.79 1.26
N ASP A 109 -10.80 -10.77 1.86
CA ASP A 109 -10.52 -11.55 3.07
C ASP A 109 -11.32 -10.98 4.24
N ALA A 110 -11.54 -11.83 5.25
CA ALA A 110 -12.24 -11.48 6.46
C ALA A 110 -11.39 -10.49 7.26
N MET A 111 -12.04 -9.70 8.09
CA MET A 111 -11.39 -8.76 9.01
C MET A 111 -10.52 -9.54 10.02
N GLU A 112 -9.43 -8.91 10.46
CA GLU A 112 -8.56 -9.50 11.50
C GLU A 112 -9.30 -9.43 12.83
N PRO A 113 -9.48 -10.57 13.53
CA PRO A 113 -10.28 -10.60 14.77
C PRO A 113 -9.61 -10.01 16.02
N ASP A 114 -8.28 -9.97 16.07
CA ASP A 114 -7.55 -9.48 17.26
C ASP A 114 -6.44 -8.50 16.87
N THR A 115 -6.74 -7.60 15.95
CA THR A 115 -5.92 -6.41 15.70
C THR A 115 -6.41 -5.28 16.60
N ALA A 116 -5.68 -4.17 16.63
CA ALA A 116 -6.04 -2.98 17.40
C ALA A 116 -7.45 -2.52 17.01
N PRO A 117 -8.28 -2.08 17.98
CA PRO A 117 -9.65 -1.62 17.70
C PRO A 117 -9.77 -0.13 17.33
N GLY A 118 -8.75 0.67 17.68
CA GLY A 118 -8.76 2.12 17.49
C GLY A 118 -9.35 2.85 18.69
N LEU A 119 -9.74 4.11 18.46
CA LEU A 119 -10.30 4.98 19.49
C LEU A 119 -11.82 5.05 19.32
N PRO A 120 -12.57 5.26 20.42
CA PRO A 120 -12.02 5.48 21.75
C PRO A 120 -11.82 4.21 22.60
N TRP A 121 -11.87 3.03 21.97
CA TRP A 121 -11.94 1.74 22.67
C TRP A 121 -10.62 1.45 23.39
N ALA A 122 -9.50 1.88 22.82
CA ALA A 122 -8.16 1.61 23.36
C ALA A 122 -7.95 2.36 24.68
N LEU A 123 -8.67 3.46 24.88
CA LEU A 123 -8.61 4.27 26.10
C LEU A 123 -9.43 3.61 27.22
N GLN A 124 -10.35 2.71 26.85
CA GLN A 124 -11.18 1.97 27.79
C GLN A 124 -10.51 0.65 28.20
N GLY A 125 -9.50 0.22 27.43
CA GLY A 125 -8.95 -1.11 27.57
C GLY A 125 -9.97 -2.15 27.14
N LYS A 126 -9.99 -2.44 25.83
CA LYS A 126 -11.00 -3.31 25.23
C LYS A 126 -10.48 -3.81 23.87
N ARG A 127 -10.69 -5.10 23.60
CA ARG A 127 -10.24 -5.74 22.36
C ARG A 127 -11.39 -5.82 21.36
N ARG A 128 -11.05 -6.10 20.10
CA ARG A 128 -12.00 -6.19 18.99
C ARG A 128 -13.06 -7.25 19.28
N GLY A 129 -12.63 -8.38 19.84
CA GLY A 129 -13.49 -9.52 20.20
C GLY A 129 -14.62 -9.13 21.14
N ALA A 130 -14.38 -8.12 21.99
CA ALA A 130 -15.37 -7.62 22.95
C ALA A 130 -16.46 -6.81 22.24
N LEU A 131 -16.09 -6.14 21.15
CA LEU A 131 -17.00 -5.27 20.39
C LEU A 131 -17.73 -6.07 19.30
N ILE A 132 -17.03 -7.04 18.70
CA ILE A 132 -17.52 -7.73 17.49
C ILE A 132 -17.28 -9.24 17.65
N ASP A 133 -18.24 -10.02 17.12
CA ASP A 133 -18.20 -11.47 17.08
C ASP A 133 -17.84 -11.93 15.66
N PHE A 134 -16.58 -12.36 15.49
CA PHE A 134 -15.96 -12.61 14.19
C PHE A 134 -16.31 -14.01 13.68
N GLU A 135 -16.58 -14.96 14.59
CA GLU A 135 -17.01 -16.31 14.21
C GLU A 135 -18.42 -16.25 13.63
N ASN A 136 -19.29 -15.49 14.32
CA ASN A 136 -20.71 -15.36 13.99
C ASN A 136 -20.92 -14.29 12.91
N GLY A 137 -20.10 -13.24 12.94
CA GLY A 137 -20.27 -12.08 12.06
C GLY A 137 -21.41 -11.18 12.53
N THR A 138 -21.29 -10.72 13.77
CA THR A 138 -22.28 -9.83 14.39
C THR A 138 -21.55 -8.87 15.33
N VAL A 139 -22.26 -7.83 15.77
CA VAL A 139 -21.66 -6.71 16.49
C VAL A 139 -22.44 -6.44 17.78
N GLY A 140 -21.72 -5.92 18.78
CA GLY A 140 -22.30 -5.51 20.05
C GLY A 140 -23.07 -4.20 19.92
N PRO A 141 -23.62 -3.67 21.04
CA PRO A 141 -24.41 -2.43 21.00
C PRO A 141 -23.59 -1.19 20.64
N GLU A 142 -22.37 -1.09 21.17
CA GLU A 142 -21.50 0.07 21.00
C GLU A 142 -21.23 0.30 19.51
N VAL A 143 -20.94 -0.79 18.79
CA VAL A 143 -20.66 -0.78 17.35
C VAL A 143 -21.96 -0.44 16.58
N GLU A 144 -23.08 -1.07 16.98
CA GLU A 144 -24.38 -0.85 16.34
C GLU A 144 -24.80 0.62 16.50
N ALA A 145 -24.51 1.19 17.68
CA ALA A 145 -24.78 2.60 18.00
C ALA A 145 -23.91 3.51 17.12
N ALA A 146 -22.66 3.10 16.90
CA ALA A 146 -21.75 3.79 15.97
C ALA A 146 -22.25 3.62 14.53
N LEU A 147 -22.67 2.40 14.18
CA LEU A 147 -23.27 2.09 12.88
C LEU A 147 -24.41 3.08 12.61
N LYS A 148 -25.27 3.28 13.63
CA LYS A 148 -26.45 4.15 13.55
C LYS A 148 -26.06 5.61 13.32
N LEU A 149 -24.95 6.06 13.94
CA LEU A 149 -24.48 7.45 13.77
C LEU A 149 -23.95 7.67 12.34
N MET A 150 -23.38 6.61 11.75
CA MET A 150 -22.80 6.68 10.40
C MET A 150 -23.92 6.68 9.36
N GLU A 151 -25.01 5.94 9.63
CA GLU A 151 -26.21 5.97 8.79
C GLU A 151 -26.68 7.43 8.62
N LYS A 152 -26.77 8.16 9.73
CA LYS A 152 -27.32 9.53 9.78
C LYS A 152 -26.22 10.57 9.54
N ARG A 153 -25.00 10.12 9.23
CA ARG A 153 -23.86 10.95 8.85
C ARG A 153 -23.40 11.83 10.03
N GLU A 154 -23.62 11.37 11.26
CA GLU A 154 -23.31 12.16 12.47
C GLU A 154 -22.07 11.59 13.18
N TYR A 155 -21.51 10.50 12.65
CA TYR A 155 -20.40 9.80 13.28
C TYR A 155 -19.11 10.63 13.16
N LYS A 156 -18.38 10.75 14.27
CA LYS A 156 -17.09 11.43 14.37
C LYS A 156 -16.09 10.47 15.03
N PHE A 157 -14.81 10.62 14.71
CA PHE A 157 -13.79 9.68 15.19
C PHE A 157 -12.40 10.32 15.23
N ALA A 158 -11.49 9.64 15.92
CA ALA A 158 -10.08 9.94 15.92
C ALA A 158 -9.29 8.71 15.45
N CYS A 159 -8.12 8.98 14.84
CA CYS A 159 -7.18 7.96 14.44
C CYS A 159 -6.13 7.78 15.54
N GLN A 160 -5.79 6.51 15.82
CA GLN A 160 -4.77 6.16 16.80
C GLN A 160 -3.44 5.93 16.08
N THR A 161 -2.48 6.85 16.28
CA THR A 161 -1.17 6.77 15.66
C THR A 161 -0.34 5.68 16.35
N PHE A 162 0.20 4.75 15.55
CA PHE A 162 1.16 3.73 15.98
C PHE A 162 2.46 3.91 15.18
N LEU A 163 3.59 3.77 15.87
CA LEU A 163 4.89 3.67 15.21
C LEU A 163 5.01 2.28 14.60
N LYS A 164 5.47 2.23 13.35
CA LYS A 164 5.57 0.99 12.62
C LYS A 164 6.85 0.26 13.03
N ASP A 165 6.70 -0.86 13.74
CA ASP A 165 7.80 -1.75 14.09
C ASP A 165 8.14 -2.61 12.87
N GLU A 166 9.20 -2.22 12.15
CA GLU A 166 9.64 -2.90 10.94
C GLU A 166 11.13 -2.61 10.71
N ILE A 167 11.72 -3.41 9.81
CA ILE A 167 13.10 -3.21 9.39
C ILE A 167 13.12 -2.05 8.39
N ARG A 168 14.11 -1.16 8.57
CA ARG A 168 14.29 0.00 7.72
C ARG A 168 15.76 0.12 7.35
N PRO A 169 16.10 0.85 6.27
CA PRO A 169 17.50 1.24 6.03
C PRO A 169 18.01 2.07 7.22
N MET A 170 19.25 1.78 7.64
CA MET A 170 19.85 2.36 8.87
C MET A 170 19.95 3.89 8.77
N GLU A 171 20.11 4.42 7.55
CA GLU A 171 20.07 5.87 7.32
C GLU A 171 18.71 6.42 7.81
N LYS A 172 17.62 5.74 7.44
CA LYS A 172 16.29 6.19 7.81
C LYS A 172 16.04 5.95 9.31
N VAL A 173 16.65 4.89 9.85
CA VAL A 173 16.60 4.60 11.29
C VAL A 173 17.25 5.75 12.06
N ARG A 174 18.47 6.13 11.65
CA ARG A 174 19.28 7.16 12.32
C ARG A 174 18.66 8.54 12.13
N ALA A 175 18.01 8.75 10.97
CA ALA A 175 17.32 10.02 10.66
C ALA A 175 15.96 10.09 11.38
N GLY A 176 15.58 9.00 12.06
CA GLY A 176 14.34 8.94 12.86
C GLY A 176 13.09 8.86 12.02
N LYS A 177 13.23 8.44 10.75
CA LYS A 177 12.12 8.45 9.80
C LYS A 177 11.35 7.13 9.92
N THR A 178 10.81 6.90 11.12
CA THR A 178 9.94 5.77 11.39
C THR A 178 8.58 6.07 10.75
N ARG A 179 8.05 5.09 10.00
CA ARG A 179 6.74 5.24 9.39
C ARG A 179 5.67 5.08 10.48
N ILE A 180 4.51 5.69 10.25
CA ILE A 180 3.42 5.59 11.19
C ILE A 180 2.24 4.88 10.51
N VAL A 181 1.30 4.47 11.36
CA VAL A 181 0.13 3.72 11.00
C VAL A 181 -1.07 4.41 11.66
N ASP A 182 -1.99 4.93 10.83
CA ASP A 182 -3.17 5.63 11.28
C ASP A 182 -4.29 4.60 11.48
N VAL A 183 -4.47 4.15 12.72
CA VAL A 183 -5.44 3.13 13.08
C VAL A 183 -6.81 3.78 13.23
N LEU A 184 -7.77 3.38 12.38
CA LEU A 184 -9.13 3.85 12.46
C LEU A 184 -9.90 2.96 13.44
N PRO A 185 -11.05 3.43 13.96
CA PRO A 185 -11.95 2.59 14.74
C PRO A 185 -12.46 1.39 13.91
N VAL A 186 -12.63 0.25 14.58
CA VAL A 186 -13.00 -1.00 13.92
C VAL A 186 -14.34 -0.87 13.21
N GLU A 187 -15.23 -0.02 13.75
CA GLU A 187 -16.57 0.21 13.18
C GLU A 187 -16.44 0.99 11.86
N HIS A 188 -15.44 1.89 11.78
CA HIS A 188 -15.18 2.67 10.59
C HIS A 188 -14.76 1.73 9.46
N ILE A 189 -13.84 0.83 9.79
CA ILE A 189 -13.35 -0.21 8.90
C ILE A 189 -14.53 -1.08 8.45
N LEU A 190 -15.41 -1.44 9.41
CA LEU A 190 -16.56 -2.29 9.15
C LEU A 190 -17.49 -1.62 8.13
N TYR A 191 -17.90 -0.38 8.42
CA TYR A 191 -18.85 0.35 7.58
C TYR A 191 -18.27 0.61 6.19
N THR A 192 -16.99 1.02 6.12
CA THR A 192 -16.32 1.22 4.82
C THR A 192 -16.40 -0.06 3.99
N ARG A 193 -16.09 -1.21 4.62
CA ARG A 193 -16.18 -2.52 3.96
C ARG A 193 -17.63 -2.79 3.53
N MET A 194 -18.60 -2.36 4.34
CA MET A 194 -20.02 -2.50 3.97
C MET A 194 -20.31 -1.62 2.74
N MET A 195 -19.78 -0.39 2.73
CA MET A 195 -20.11 0.58 1.69
C MET A 195 -19.43 0.24 0.36
N ILE A 196 -18.19 -0.29 0.38
CA ILE A 196 -17.44 -0.45 -0.87
C ILE A 196 -16.76 -1.82 -0.97
N GLY A 197 -17.14 -2.77 -0.09
CA GLY A 197 -16.49 -4.09 -0.02
C GLY A 197 -16.59 -4.90 -1.30
N ARG A 198 -17.73 -4.81 -1.99
CA ARG A 198 -17.95 -5.62 -3.19
C ARG A 198 -17.10 -5.07 -4.34
N PHE A 199 -17.08 -3.74 -4.44
CA PHE A 199 -16.20 -3.02 -5.35
C PHE A 199 -14.75 -3.48 -5.16
N CYS A 200 -14.29 -3.46 -3.91
CA CYS A 200 -12.93 -3.85 -3.58
C CYS A 200 -12.68 -5.30 -4.04
N ALA A 201 -13.63 -6.19 -3.70
CA ALA A 201 -13.58 -7.60 -4.08
C ALA A 201 -13.41 -7.73 -5.59
N GLN A 202 -14.21 -6.97 -6.34
CA GLN A 202 -14.15 -6.97 -7.81
C GLN A 202 -12.79 -6.45 -8.30
N MET A 203 -12.27 -5.39 -7.66
CA MET A 203 -10.98 -4.84 -8.02
C MET A 203 -9.91 -5.94 -7.88
N HIS A 204 -9.86 -6.56 -6.69
CA HIS A 204 -8.85 -7.58 -6.40
C HIS A 204 -8.87 -8.67 -7.46
N SER A 205 -10.09 -9.12 -7.78
CA SER A 205 -10.34 -10.21 -8.70
C SER A 205 -9.97 -9.83 -10.14
N ASN A 206 -10.09 -8.54 -10.48
CA ASN A 206 -9.88 -8.08 -11.85
C ASN A 206 -8.55 -7.32 -11.97
N ASN A 207 -7.58 -7.64 -11.11
CA ASN A 207 -6.32 -6.94 -11.08
C ASN A 207 -5.62 -7.15 -12.42
N GLY A 208 -4.87 -6.12 -12.86
CA GLY A 208 -4.17 -6.14 -14.14
C GLY A 208 -4.09 -4.74 -14.74
N PRO A 209 -3.32 -4.57 -15.84
CA PRO A 209 -3.12 -3.26 -16.47
C PRO A 209 -4.42 -2.53 -16.88
N GLN A 210 -5.46 -3.30 -17.22
CA GLN A 210 -6.70 -2.75 -17.77
C GLN A 210 -7.36 -1.79 -16.78
N ILE A 211 -7.36 -2.14 -15.48
CA ILE A 211 -7.89 -1.25 -14.45
C ILE A 211 -6.73 -0.52 -13.76
N GLY A 212 -5.50 -0.85 -14.15
CA GLY A 212 -4.29 -0.21 -13.66
C GLY A 212 -4.00 -0.50 -12.20
N SER A 213 -4.29 -1.73 -11.74
CA SER A 213 -4.19 -2.10 -10.32
C SER A 213 -3.66 -3.53 -10.17
N ALA A 214 -2.62 -3.70 -9.33
CA ALA A 214 -2.07 -5.00 -8.97
C ALA A 214 -2.50 -5.40 -7.56
N VAL A 215 -3.40 -4.64 -6.94
CA VAL A 215 -3.95 -5.02 -5.64
C VAL A 215 -4.72 -6.35 -5.82
N GLY A 216 -4.24 -7.40 -5.14
CA GLY A 216 -4.83 -8.73 -5.22
C GLY A 216 -4.02 -9.71 -6.05
N CYS A 217 -2.89 -9.26 -6.59
CA CYS A 217 -2.06 -10.11 -7.47
C CYS A 217 -1.21 -11.04 -6.62
N ASN A 218 -0.64 -12.04 -7.28
CA ASN A 218 0.26 -13.02 -6.71
C ASN A 218 1.53 -13.02 -7.57
N PRO A 219 2.56 -12.24 -7.17
CA PRO A 219 3.73 -12.04 -8.03
C PRO A 219 4.32 -13.33 -8.65
N ASP A 220 4.23 -14.46 -7.93
CA ASP A 220 4.71 -15.76 -8.42
C ASP A 220 4.06 -16.12 -9.75
N VAL A 221 2.76 -15.88 -9.88
CA VAL A 221 2.02 -16.29 -11.07
C VAL A 221 1.84 -15.09 -12.00
N ASP A 222 1.69 -13.89 -11.43
CA ASP A 222 1.21 -12.72 -12.19
C ASP A 222 2.37 -12.00 -12.88
N TRP A 223 3.61 -12.27 -12.47
CA TRP A 223 4.77 -11.65 -13.11
C TRP A 223 4.86 -12.03 -14.59
N GLN A 224 4.36 -13.22 -14.95
CA GLN A 224 4.31 -13.66 -16.34
C GLN A 224 3.31 -12.82 -17.12
N ARG A 225 2.16 -12.57 -16.50
CA ARG A 225 1.07 -11.80 -17.08
C ARG A 225 1.55 -10.35 -17.28
N PHE A 226 2.03 -9.71 -16.21
CA PHE A 226 2.43 -8.30 -16.23
C PHE A 226 3.67 -8.11 -17.10
N GLY A 227 4.66 -9.00 -16.94
CA GLY A 227 5.93 -8.91 -17.64
C GLY A 227 5.77 -8.91 -19.15
N THR A 228 4.85 -9.73 -19.66
CA THR A 228 4.67 -9.93 -21.10
C THR A 228 3.90 -8.76 -21.70
N HIS A 229 2.99 -8.18 -20.91
CA HIS A 229 2.22 -7.01 -21.31
C HIS A 229 3.17 -5.84 -21.54
N PHE A 230 3.99 -5.53 -20.54
CA PHE A 230 4.83 -4.34 -20.51
C PHE A 230 6.03 -4.44 -21.47
N ALA A 231 6.40 -5.66 -21.88
CA ALA A 231 7.54 -5.88 -22.79
C ALA A 231 7.18 -5.53 -24.24
N GLN A 232 5.89 -5.26 -24.50
CA GLN A 232 5.36 -4.91 -25.82
C GLN A 232 5.51 -3.41 -26.11
N TYR A 233 5.93 -2.62 -25.12
CA TYR A 233 5.99 -1.16 -25.23
C TYR A 233 7.45 -0.70 -25.30
N ARG A 234 7.68 0.38 -26.05
CA ARG A 234 9.02 0.89 -26.35
C ARG A 234 9.63 1.53 -25.10
N ASN A 235 8.79 2.16 -24.28
CA ASN A 235 9.24 2.89 -23.09
C ASN A 235 8.49 2.39 -21.85
N VAL A 236 9.23 2.25 -20.75
CA VAL A 236 8.68 1.89 -19.45
C VAL A 236 9.35 2.78 -18.41
N TRP A 237 8.55 3.34 -17.49
CA TRP A 237 9.06 4.20 -16.44
C TRP A 237 8.73 3.61 -15.06
N ASP A 238 9.71 3.76 -14.16
CA ASP A 238 9.68 3.35 -12.78
C ASP A 238 9.65 4.62 -11.92
N VAL A 239 8.46 5.00 -11.44
CA VAL A 239 8.23 6.31 -10.83
C VAL A 239 8.11 6.18 -9.32
N ASP A 240 8.87 7.01 -8.59
CA ASP A 240 8.85 7.09 -7.14
C ASP A 240 8.17 8.40 -6.74
N TYR A 241 7.43 8.33 -5.64
CA TYR A 241 6.76 9.47 -5.07
C TYR A 241 7.36 9.76 -3.71
N SER A 242 7.25 11.02 -3.28
CA SER A 242 7.64 11.45 -1.96
C SER A 242 6.38 11.57 -1.08
N ALA A 243 6.24 10.64 -0.13
CA ALA A 243 5.15 10.65 0.85
C ALA A 243 3.79 10.77 0.14
N PHE A 244 3.59 9.91 -0.87
CA PHE A 244 2.37 9.80 -1.68
C PHE A 244 1.10 9.99 -0.83
N ASP A 245 1.00 9.21 0.25
CA ASP A 245 -0.19 9.10 1.09
C ASP A 245 -0.53 10.43 1.76
N ALA A 246 0.47 11.04 2.41
CA ALA A 246 0.32 12.30 3.14
C ALA A 246 -0.05 13.45 2.21
N ASN A 247 0.37 13.37 0.94
CA ASN A 247 0.37 14.50 0.01
C ASN A 247 -0.81 14.50 -0.96
N HIS A 248 -1.78 13.59 -0.79
CA HIS A 248 -3.05 13.68 -1.54
C HIS A 248 -3.81 14.92 -1.07
N CYS A 249 -4.13 15.84 -1.98
CA CYS A 249 -4.75 17.10 -1.58
C CYS A 249 -6.27 16.91 -1.42
N SER A 250 -6.86 17.74 -0.54
CA SER A 250 -8.27 17.68 -0.18
C SER A 250 -9.14 17.71 -1.44
N ASP A 251 -8.73 18.51 -2.43
CA ASP A 251 -9.46 18.68 -3.68
C ASP A 251 -9.44 17.38 -4.49
N ALA A 252 -8.27 16.76 -4.61
CA ALA A 252 -8.09 15.54 -5.41
C ALA A 252 -8.86 14.37 -4.78
N MET A 253 -8.76 14.23 -3.45
CA MET A 253 -9.46 13.17 -2.72
C MET A 253 -10.97 13.30 -2.93
N ASN A 254 -11.50 14.51 -2.68
CA ASN A 254 -12.92 14.80 -2.72
C ASN A 254 -13.49 14.56 -4.12
N ILE A 255 -12.74 14.96 -5.16
CA ILE A 255 -13.25 14.83 -6.53
C ILE A 255 -13.20 13.35 -6.94
N MET A 256 -12.15 12.65 -6.54
CA MET A 256 -12.01 11.25 -6.84
C MET A 256 -13.18 10.47 -6.22
N PHE A 257 -13.47 10.72 -4.94
CA PHE A 257 -14.56 10.07 -4.23
C PHE A 257 -15.90 10.38 -4.90
N GLU A 258 -16.08 11.64 -5.33
CA GLU A 258 -17.32 12.10 -5.96
C GLU A 258 -17.57 11.41 -7.30
N GLU A 259 -16.50 11.12 -8.05
CA GLU A 259 -16.65 10.60 -9.40
C GLU A 259 -16.63 9.07 -9.42
N VAL A 260 -15.87 8.44 -8.52
CA VAL A 260 -15.73 6.99 -8.59
C VAL A 260 -16.91 6.30 -7.87
N PHE A 261 -17.38 6.85 -6.75
CA PHE A 261 -18.29 6.14 -5.84
C PHE A 261 -19.71 6.72 -5.91
N ARG A 262 -20.18 6.97 -7.14
CA ARG A 262 -21.48 7.60 -7.37
C ARG A 262 -22.60 6.56 -7.20
N THR A 263 -23.78 7.04 -6.81
CA THR A 263 -24.95 6.20 -6.63
C THR A 263 -25.37 5.56 -7.96
N GLU A 264 -25.11 6.26 -9.07
CA GLU A 264 -25.46 5.77 -10.39
C GLU A 264 -24.57 4.58 -10.80
N PHE A 265 -23.46 4.37 -10.08
CA PHE A 265 -22.57 3.21 -10.27
C PHE A 265 -22.87 2.09 -9.26
N GLY A 266 -23.97 2.25 -8.49
CA GLY A 266 -24.55 1.17 -7.69
C GLY A 266 -24.30 1.35 -6.19
N PHE A 267 -23.52 2.37 -5.81
CA PHE A 267 -23.13 2.57 -4.41
C PHE A 267 -24.29 3.21 -3.64
N HIS A 268 -24.41 2.79 -2.37
CA HIS A 268 -25.17 3.49 -1.36
C HIS A 268 -24.64 4.93 -1.24
N PRO A 269 -25.52 5.94 -1.01
CA PRO A 269 -25.08 7.32 -0.80
C PRO A 269 -23.92 7.55 0.18
N ASN A 270 -23.78 6.70 1.21
CA ASN A 270 -22.79 6.92 2.26
C ASN A 270 -21.42 6.32 1.89
N ALA A 271 -21.31 5.72 0.69
CA ALA A 271 -19.99 5.33 0.17
C ALA A 271 -19.10 6.57 0.07
N GLU A 272 -19.62 7.59 -0.64
CA GLU A 272 -18.97 8.88 -0.80
C GLU A 272 -18.73 9.51 0.57
N TRP A 273 -19.76 9.46 1.43
CA TRP A 273 -19.73 10.13 2.70
C TRP A 273 -18.62 9.55 3.60
N ILE A 274 -18.54 8.21 3.68
CA ILE A 274 -17.61 7.55 4.62
C ILE A 274 -16.16 7.78 4.15
N LEU A 275 -15.93 7.76 2.84
CA LEU A 275 -14.60 8.01 2.28
C LEU A 275 -14.19 9.47 2.53
N LYS A 276 -15.16 10.40 2.44
CA LYS A 276 -14.87 11.82 2.64
C LYS A 276 -14.49 12.12 4.10
N THR A 277 -14.79 11.21 5.04
CA THR A 277 -14.38 11.40 6.43
C THR A 277 -12.87 11.15 6.60
N LEU A 278 -12.18 10.72 5.52
CA LEU A 278 -10.74 10.47 5.57
C LEU A 278 -9.94 11.74 5.26
N VAL A 279 -10.61 12.82 4.84
CA VAL A 279 -9.96 14.02 4.32
C VAL A 279 -9.45 14.88 5.49
N ASN A 280 -10.39 15.30 6.34
CA ASN A 280 -10.10 16.08 7.54
C ASN A 280 -10.16 15.14 8.74
N THR A 281 -9.00 14.85 9.34
CA THR A 281 -8.86 13.82 10.36
C THR A 281 -8.16 14.39 11.59
N GLU A 282 -8.52 13.82 12.76
CA GLU A 282 -7.87 14.09 14.03
C GLU A 282 -7.04 12.86 14.42
N HIS A 283 -5.75 13.07 14.64
CA HIS A 283 -4.81 11.99 14.97
C HIS A 283 -4.38 12.15 16.43
N ALA A 284 -4.34 11.02 17.15
CA ALA A 284 -4.00 10.97 18.56
C ALA A 284 -2.67 10.24 18.72
N TYR A 285 -1.69 10.95 19.27
CA TYR A 285 -0.36 10.42 19.54
C TYR A 285 0.08 10.91 20.92
N GLU A 286 0.06 9.99 21.90
CA GLU A 286 0.36 10.29 23.30
C GLU A 286 -0.56 11.43 23.76
N ASN A 287 0.01 12.47 24.36
CA ASN A 287 -0.72 13.55 25.02
C ASN A 287 -1.23 14.58 24.00
N LYS A 288 -0.83 14.46 22.73
CA LYS A 288 -1.16 15.45 21.71
C LYS A 288 -2.26 14.91 20.79
N ARG A 289 -3.08 15.85 20.28
CA ARG A 289 -4.06 15.60 19.23
C ARG A 289 -3.73 16.55 18.07
N ILE A 290 -3.54 15.98 16.88
CA ILE A 290 -3.16 16.71 15.68
C ILE A 290 -4.30 16.62 14.66
N THR A 291 -4.84 17.79 14.28
CA THR A 291 -5.89 17.91 13.27
C THR A 291 -5.24 18.16 11.90
N VAL A 292 -5.49 17.25 10.95
CA VAL A 292 -4.85 17.26 9.63
C VAL A 292 -5.92 17.40 8.54
N GLU A 293 -5.70 18.33 7.60
CA GLU A 293 -6.53 18.49 6.41
C GLU A 293 -5.73 18.02 5.19
N GLY A 294 -6.35 17.16 4.37
CA GLY A 294 -5.70 16.50 3.26
C GLY A 294 -4.98 15.24 3.72
N GLY A 295 -4.49 14.46 2.75
CA GLY A 295 -3.73 13.25 3.02
C GLY A 295 -4.62 12.07 3.40
N MET A 296 -4.16 10.86 3.07
CA MET A 296 -4.86 9.62 3.34
C MET A 296 -4.32 9.00 4.63
N PRO A 297 -5.19 8.64 5.61
CA PRO A 297 -4.74 7.83 6.76
C PRO A 297 -4.26 6.45 6.28
N SER A 298 -2.97 6.17 6.49
CA SER A 298 -2.36 4.91 6.12
C SER A 298 -2.77 3.85 7.15
N GLY A 299 -3.81 3.07 6.81
CA GLY A 299 -4.34 2.04 7.72
C GLY A 299 -5.86 2.01 7.80
N CYS A 300 -6.53 2.83 7.00
CA CYS A 300 -7.98 2.73 6.83
C CYS A 300 -8.31 1.54 5.91
N SER A 301 -9.58 1.14 5.91
CA SER A 301 -10.06 0.13 4.99
C SER A 301 -9.86 0.63 3.56
N ALA A 302 -9.32 -0.23 2.69
CA ALA A 302 -9.15 0.09 1.28
C ALA A 302 -8.18 1.27 1.06
N THR A 303 -7.17 1.42 1.92
CA THR A 303 -6.15 2.46 1.72
C THR A 303 -5.43 2.19 0.39
N SER A 304 -5.07 0.93 0.14
CA SER A 304 -4.31 0.50 -1.05
C SER A 304 -5.09 0.78 -2.33
N ILE A 305 -6.40 0.51 -2.31
CA ILE A 305 -7.28 0.68 -3.46
C ILE A 305 -7.41 2.19 -3.77
N ILE A 306 -7.65 2.98 -2.73
CA ILE A 306 -7.85 4.42 -2.87
C ILE A 306 -6.58 5.06 -3.45
N ASN A 307 -5.42 4.66 -2.92
CA ASN A 307 -4.13 5.16 -3.38
C ASN A 307 -3.86 4.74 -4.82
N THR A 308 -4.30 3.52 -5.19
CA THR A 308 -4.10 2.96 -6.50
C THR A 308 -4.95 3.75 -7.51
N ILE A 309 -6.17 4.07 -7.11
CA ILE A 309 -7.11 4.79 -7.94
C ILE A 309 -6.57 6.20 -8.16
N LEU A 310 -6.12 6.85 -7.08
CA LEU A 310 -5.53 8.19 -7.18
C LEU A 310 -4.33 8.15 -8.13
N ASN A 311 -3.45 7.15 -7.97
CA ASN A 311 -2.23 7.03 -8.81
C ASN A 311 -2.62 7.09 -10.29
N ASN A 312 -3.64 6.30 -10.65
CA ASN A 312 -4.14 6.17 -12.01
C ASN A 312 -4.64 7.54 -12.53
N ILE A 313 -5.40 8.27 -11.72
CA ILE A 313 -6.00 9.54 -12.15
C ILE A 313 -4.88 10.59 -12.28
N TYR A 314 -3.91 10.57 -11.36
CA TYR A 314 -2.75 11.48 -11.36
C TYR A 314 -1.99 11.40 -12.69
N VAL A 315 -1.69 10.17 -13.15
CA VAL A 315 -0.91 9.96 -14.37
C VAL A 315 -1.68 10.51 -15.57
N LEU A 316 -2.99 10.27 -15.61
CA LEU A 316 -3.84 10.75 -16.70
C LEU A 316 -3.89 12.27 -16.66
N TYR A 317 -4.05 12.82 -15.46
CA TYR A 317 -4.18 14.25 -15.22
C TYR A 317 -2.89 14.97 -15.67
N ALA A 318 -1.74 14.43 -15.26
CA ALA A 318 -0.45 15.04 -15.51
C ALA A 318 -0.14 15.06 -17.00
N LEU A 319 -0.46 13.96 -17.69
CA LEU A 319 -0.23 13.86 -19.13
C LEU A 319 -1.15 14.83 -19.89
N ARG A 320 -2.42 14.95 -19.47
CA ARG A 320 -3.40 15.78 -20.19
C ARG A 320 -3.14 17.26 -19.93
N ARG A 321 -2.49 17.57 -18.80
CA ARG A 321 -2.15 18.94 -18.44
C ARG A 321 -0.95 19.43 -19.27
N HIS A 322 -0.06 18.50 -19.65
CA HIS A 322 1.12 18.82 -20.46
C HIS A 322 0.81 18.65 -21.96
N TYR A 323 0.28 17.48 -22.34
CA TYR A 323 0.04 17.12 -23.75
C TYR A 323 -1.44 17.29 -24.10
N GLU A 324 -1.70 17.25 -25.41
CA GLU A 324 -3.00 17.39 -26.03
C GLU A 324 -3.44 16.01 -26.57
N GLY A 325 -4.76 15.75 -26.52
CA GLY A 325 -5.36 14.53 -27.06
C GLY A 325 -4.89 13.26 -26.36
N VAL A 326 -4.64 13.33 -25.05
CA VAL A 326 -4.25 12.16 -24.26
C VAL A 326 -5.50 11.44 -23.76
N GLU A 327 -5.57 10.13 -23.99
CA GLU A 327 -6.67 9.27 -23.53
C GLU A 327 -6.08 8.09 -22.75
N LEU A 328 -6.94 7.19 -22.29
CA LEU A 328 -6.52 6.03 -21.49
C LEU A 328 -5.70 5.05 -22.34
N ASP A 329 -5.89 5.05 -23.65
CA ASP A 329 -5.16 4.20 -24.59
C ASP A 329 -3.74 4.73 -24.85
N THR A 330 -3.49 6.02 -24.54
CA THR A 330 -2.21 6.68 -24.86
C THR A 330 -1.03 5.97 -24.18
N TYR A 331 -1.30 5.37 -23.01
CA TYR A 331 -0.30 4.65 -22.22
C TYR A 331 -0.98 3.43 -21.58
N THR A 332 -0.16 2.67 -20.85
CA THR A 332 -0.62 1.63 -19.95
C THR A 332 0.13 1.80 -18.62
N MET A 333 -0.51 1.40 -17.51
CA MET A 333 0.16 1.39 -16.22
C MET A 333 -0.43 0.31 -15.31
N ILE A 334 0.36 -0.07 -14.31
CA ILE A 334 -0.14 -0.78 -13.16
C ILE A 334 0.47 -0.14 -11.93
N SER A 335 -0.34 0.02 -10.89
CA SER A 335 0.11 0.52 -9.65
C SER A 335 -0.39 -0.37 -8.51
N TYR A 336 0.31 -0.25 -7.38
CA TYR A 336 -0.08 -0.80 -6.12
C TYR A 336 0.15 0.28 -5.06
N GLY A 337 -0.93 0.98 -4.71
CA GLY A 337 -0.82 2.19 -3.92
C GLY A 337 0.10 3.18 -4.61
N ASP A 338 1.18 3.59 -3.93
CA ASP A 338 2.12 4.61 -4.45
C ASP A 338 3.07 3.99 -5.49
N ASP A 339 3.21 2.66 -5.50
CA ASP A 339 4.12 1.95 -6.38
C ASP A 339 3.52 1.90 -7.79
N ILE A 340 4.33 2.10 -8.82
CA ILE A 340 3.80 2.25 -10.18
C ILE A 340 4.83 1.85 -11.24
N VAL A 341 4.31 1.18 -12.26
CA VAL A 341 4.97 0.97 -13.54
C VAL A 341 4.03 1.54 -14.62
N VAL A 342 4.60 2.35 -15.51
CA VAL A 342 3.86 2.96 -16.61
C VAL A 342 4.67 2.74 -17.89
N ALA A 343 3.96 2.53 -19.00
CA ALA A 343 4.57 2.26 -20.29
C ALA A 343 3.76 2.91 -21.41
N SER A 344 4.42 3.16 -22.56
CA SER A 344 3.80 3.78 -23.74
C SER A 344 4.72 3.66 -24.96
N ASP A 345 4.12 3.67 -26.15
CA ASP A 345 4.84 3.69 -27.42
C ASP A 345 5.22 5.13 -27.75
N TYR A 346 4.40 6.09 -27.31
CA TYR A 346 4.75 7.51 -27.37
C TYR A 346 5.94 7.76 -26.43
N ASP A 347 6.84 8.65 -26.85
CA ASP A 347 8.02 9.01 -26.07
C ASP A 347 7.64 10.14 -25.12
N LEU A 348 7.01 9.79 -23.99
CA LEU A 348 6.56 10.77 -22.99
C LEU A 348 7.78 11.29 -22.22
N ASP A 349 7.66 12.54 -21.75
CA ASP A 349 8.72 13.22 -21.03
C ASP A 349 8.27 13.42 -19.58
N PHE A 350 8.70 12.52 -18.70
CA PHE A 350 8.25 12.49 -17.30
C PHE A 350 8.95 13.59 -16.49
N GLU A 351 10.08 14.08 -17.02
CA GLU A 351 10.78 15.23 -16.48
C GLU A 351 9.87 16.46 -16.59
N ALA A 352 9.21 16.63 -17.73
CA ALA A 352 8.33 17.76 -17.99
C ALA A 352 7.02 17.62 -17.19
N LEU A 353 6.69 16.41 -16.74
CA LEU A 353 5.47 16.17 -15.98
C LEU A 353 5.64 16.56 -14.50
N LYS A 354 6.88 16.66 -14.03
CA LYS A 354 7.20 16.97 -12.62
C LYS A 354 6.33 18.11 -12.11
N PRO A 355 6.31 19.31 -12.76
CA PRO A 355 5.50 20.43 -12.27
C PRO A 355 3.98 20.14 -12.29
N HIS A 356 3.54 19.37 -13.28
CA HIS A 356 2.12 19.03 -13.44
C HIS A 356 1.66 18.14 -12.27
N PHE A 357 2.52 17.21 -11.83
CA PHE A 357 2.29 16.42 -10.60
C PHE A 357 2.35 17.34 -9.36
N LYS A 358 3.28 18.30 -9.36
CA LYS A 358 3.41 19.28 -8.26
C LYS A 358 2.11 20.07 -8.05
N SER A 359 1.37 20.35 -9.13
CA SER A 359 0.07 21.01 -9.03
C SER A 359 -0.94 20.17 -8.23
N LEU A 360 -0.66 18.88 -8.02
CA LEU A 360 -1.45 18.00 -7.12
C LEU A 360 -0.82 17.89 -5.73
N GLY A 361 0.41 18.40 -5.58
CA GLY A 361 1.16 18.32 -4.33
C GLY A 361 2.07 17.10 -4.28
N GLN A 362 2.24 16.43 -5.43
CA GLN A 362 3.02 15.18 -5.50
C GLN A 362 4.35 15.44 -6.22
N THR A 363 5.44 14.91 -5.64
CA THR A 363 6.79 15.01 -6.18
C THR A 363 7.21 13.65 -6.75
N ILE A 364 7.37 13.59 -8.08
CA ILE A 364 7.83 12.38 -8.74
C ILE A 364 9.33 12.51 -9.01
N THR A 365 10.03 11.38 -8.85
CA THR A 365 11.44 11.22 -9.17
C THR A 365 11.61 9.86 -9.81
N PRO A 366 12.72 9.60 -10.54
CA PRO A 366 12.99 8.28 -11.10
C PRO A 366 13.33 7.29 -9.97
N ALA A 367 13.09 6.00 -10.21
CA ALA A 367 13.25 4.96 -9.20
C ALA A 367 14.74 4.73 -8.89
N ASP A 368 15.60 4.88 -9.89
CA ASP A 368 17.06 4.82 -9.69
C ASP A 368 17.56 6.19 -9.24
N LYS A 369 18.53 6.19 -8.31
CA LYS A 369 19.07 7.42 -7.72
C LYS A 369 19.85 8.20 -8.80
N SER A 370 20.83 7.52 -9.41
CA SER A 370 21.72 8.11 -10.42
C SER A 370 20.90 8.55 -11.64
N ASP A 371 21.57 9.23 -12.58
CA ASP A 371 20.95 9.81 -13.77
C ASP A 371 19.94 10.87 -13.33
N LYS A 372 20.41 12.13 -13.28
CA LYS A 372 19.61 13.26 -12.82
C LYS A 372 18.47 13.52 -13.83
N GLY A 373 17.37 12.77 -13.67
CA GLY A 373 16.14 12.94 -14.46
C GLY A 373 15.61 11.63 -15.01
N PHE A 374 14.40 11.68 -15.58
CA PHE A 374 13.78 10.53 -16.24
C PHE A 374 14.41 10.33 -17.62
N VAL A 375 14.35 9.09 -18.12
CA VAL A 375 15.01 8.69 -19.36
C VAL A 375 14.08 7.76 -20.16
N LEU A 376 14.19 7.84 -21.49
CA LEU A 376 13.44 7.01 -22.44
C LEU A 376 14.11 5.63 -22.59
N GLY A 377 13.38 4.70 -23.21
CA GLY A 377 13.94 3.45 -23.72
C GLY A 377 14.18 2.39 -22.64
N HIS A 378 13.82 2.67 -21.39
CA HIS A 378 13.88 1.67 -20.32
C HIS A 378 12.83 0.58 -20.60
N SER A 379 13.15 -0.65 -20.20
CA SER A 379 12.30 -1.82 -20.43
C SER A 379 11.75 -2.33 -19.08
N ILE A 380 10.97 -3.43 -19.15
CA ILE A 380 10.36 -4.05 -18.00
C ILE A 380 11.44 -4.74 -17.14
N THR A 381 12.55 -5.13 -17.77
CA THR A 381 13.62 -5.88 -17.12
C THR A 381 14.56 -4.94 -16.35
N ASP A 382 14.26 -3.63 -16.33
CA ASP A 382 15.07 -2.64 -15.60
C ASP A 382 14.35 -2.12 -14.35
N VAL A 383 13.03 -2.34 -14.26
CA VAL A 383 12.19 -1.67 -13.25
C VAL A 383 12.01 -2.57 -12.01
N THR A 384 11.69 -1.92 -10.89
CA THR A 384 11.27 -2.53 -9.64
C THR A 384 9.77 -2.28 -9.45
N PHE A 385 9.01 -3.33 -9.14
CA PHE A 385 7.60 -3.23 -8.74
C PHE A 385 7.36 -4.18 -7.57
N LEU A 386 6.79 -3.67 -6.47
CA LEU A 386 6.58 -4.44 -5.25
C LEU A 386 7.91 -5.07 -4.79
N LYS A 387 8.99 -4.28 -4.87
CA LYS A 387 10.36 -4.67 -4.47
C LYS A 387 10.85 -5.89 -5.26
N ARG A 388 10.39 -6.03 -6.50
CA ARG A 388 10.69 -7.19 -7.31
C ARG A 388 11.08 -6.72 -8.72
N HIS A 389 12.16 -7.29 -9.25
CA HIS A 389 12.55 -7.13 -10.64
C HIS A 389 11.84 -8.20 -11.48
N PHE A 390 11.67 -7.91 -12.77
CA PHE A 390 11.18 -8.88 -13.74
C PHE A 390 12.39 -9.47 -14.47
N HIS A 391 12.74 -10.72 -14.12
CA HIS A 391 13.78 -11.49 -14.79
C HIS A 391 13.16 -12.73 -15.45
N MET A 392 13.62 -13.03 -16.67
CA MET A 392 13.22 -14.22 -17.40
C MET A 392 13.86 -15.44 -16.74
N ASP A 393 13.04 -16.44 -16.41
CA ASP A 393 13.51 -17.73 -15.93
C ASP A 393 13.92 -18.58 -17.14
N TYR A 394 15.15 -19.06 -17.12
CA TYR A 394 15.79 -19.68 -18.28
C TYR A 394 15.32 -21.13 -18.44
N GLY A 395 14.80 -21.73 -17.36
CA GLY A 395 14.28 -23.09 -17.37
C GLY A 395 12.94 -23.19 -18.07
N THR A 396 12.04 -22.23 -17.80
CA THR A 396 10.65 -22.27 -18.28
C THR A 396 10.38 -21.22 -19.38
N GLY A 397 11.18 -20.15 -19.39
CA GLY A 397 10.94 -18.99 -20.25
C GLY A 397 9.76 -18.15 -19.78
N PHE A 398 9.58 -18.05 -18.46
CA PHE A 398 8.57 -17.18 -17.85
C PHE A 398 9.27 -16.12 -16.99
N TYR A 399 8.60 -14.98 -16.81
CA TYR A 399 9.04 -13.93 -15.88
C TYR A 399 8.87 -14.45 -14.44
N LYS A 400 9.87 -14.17 -13.60
CA LYS A 400 9.81 -14.47 -12.17
C LYS A 400 10.17 -13.20 -11.39
N PRO A 401 9.52 -12.98 -10.23
CA PRO A 401 9.85 -11.85 -9.36
C PRO A 401 11.13 -12.10 -8.57
N VAL A 402 12.20 -11.39 -8.93
CA VAL A 402 13.48 -11.49 -8.22
C VAL A 402 13.62 -10.30 -7.28
N MET A 403 13.80 -10.59 -5.98
CA MET A 403 14.13 -9.57 -5.00
C MET A 403 15.65 -9.42 -4.92
N ALA A 404 16.11 -8.21 -4.60
CA ALA A 404 17.53 -7.91 -4.46
C ALA A 404 18.08 -8.70 -3.28
N SER A 405 19.24 -9.33 -3.47
CA SER A 405 19.86 -10.18 -2.46
C SER A 405 20.08 -9.41 -1.15
N LYS A 406 20.39 -8.11 -1.24
CA LYS A 406 20.62 -7.28 -0.06
C LYS A 406 19.32 -7.16 0.77
N THR A 407 18.18 -7.08 0.07
CA THR A 407 16.86 -6.99 0.71
C THR A 407 16.55 -8.30 1.44
N LEU A 408 16.81 -9.42 0.77
CA LEU A 408 16.58 -10.74 1.33
C LEU A 408 17.47 -10.96 2.57
N GLU A 409 18.72 -10.50 2.48
CA GLU A 409 19.67 -10.55 3.60
C GLU A 409 19.06 -9.83 4.82
N ALA A 410 18.50 -8.65 4.59
CA ALA A 410 17.92 -7.82 5.64
C ALA A 410 16.73 -8.53 6.28
N ILE A 411 15.85 -9.08 5.44
CA ILE A 411 14.66 -9.79 5.88
C ILE A 411 15.08 -10.96 6.79
N LEU A 412 16.06 -11.75 6.33
CA LEU A 412 16.49 -12.98 7.00
C LEU A 412 17.28 -12.66 8.29
N SER A 413 17.82 -11.44 8.39
CA SER A 413 18.71 -11.02 9.49
C SER A 413 17.93 -10.70 10.77
N PHE A 414 16.61 -10.50 10.69
CA PHE A 414 15.81 -10.11 11.85
C PHE A 414 14.53 -10.96 11.92
N ALA A 415 14.09 -11.24 13.15
CA ALA A 415 12.85 -11.96 13.39
C ALA A 415 12.33 -11.66 14.80
N ARG A 416 11.02 -11.83 15.00
CA ARG A 416 10.41 -11.78 16.31
C ARG A 416 10.51 -13.17 16.95
N ARG A 417 10.30 -13.22 18.27
CA ARG A 417 10.60 -14.39 19.10
C ARG A 417 9.79 -15.60 18.65
N GLY A 418 10.50 -16.67 18.26
CA GLY A 418 9.92 -18.00 18.03
C GLY A 418 9.20 -18.14 16.70
N THR A 419 9.56 -17.30 15.72
CA THR A 419 8.93 -17.33 14.39
C THR A 419 9.93 -17.73 13.30
N ILE A 420 11.20 -17.94 13.68
CA ILE A 420 12.29 -17.98 12.72
C ILE A 420 12.02 -19.11 11.71
N GLN A 421 11.66 -20.30 12.20
CA GLN A 421 11.40 -21.45 11.33
C GLN A 421 10.33 -21.08 10.29
N GLU A 422 9.27 -20.42 10.75
CA GLU A 422 8.12 -20.10 9.92
C GLU A 422 8.50 -19.06 8.85
N LYS A 423 9.28 -18.05 9.27
CA LYS A 423 9.71 -16.96 8.42
C LYS A 423 10.62 -17.48 7.30
N LEU A 424 11.53 -18.39 7.66
CA LEU A 424 12.47 -19.01 6.71
C LEU A 424 11.71 -19.70 5.58
N ILE A 425 10.60 -20.38 5.91
CA ILE A 425 9.82 -21.16 4.91
C ILE A 425 9.16 -20.17 3.94
N SER A 426 8.52 -19.15 4.52
CA SER A 426 7.88 -18.05 3.82
C SER A 426 8.88 -17.32 2.91
N VAL A 427 10.07 -16.99 3.44
CA VAL A 427 11.07 -16.20 2.72
C VAL A 427 11.73 -17.05 1.63
N ALA A 428 11.82 -18.36 1.85
CA ALA A 428 12.35 -19.28 0.85
C ALA A 428 11.53 -19.17 -0.45
N GLY A 429 10.22 -18.92 -0.31
CA GLY A 429 9.31 -18.73 -1.43
C GLY A 429 9.62 -17.46 -2.22
N LEU A 430 10.27 -16.48 -1.57
CA LEU A 430 10.73 -15.26 -2.22
C LEU A 430 12.10 -15.53 -2.87
N ALA A 431 12.94 -16.30 -2.18
CA ALA A 431 14.36 -16.41 -2.50
C ALA A 431 14.64 -17.40 -3.64
N VAL A 432 13.67 -18.29 -3.92
CA VAL A 432 13.83 -19.32 -4.96
C VAL A 432 14.14 -18.65 -6.32
N HIS A 433 13.58 -17.45 -6.53
CA HIS A 433 13.69 -16.74 -7.81
C HIS A 433 15.09 -16.17 -8.05
N SER A 434 15.91 -16.08 -6.99
CA SER A 434 17.29 -15.60 -7.08
C SER A 434 18.22 -16.69 -7.65
N GLY A 435 17.69 -17.90 -7.89
CA GLY A 435 18.45 -19.01 -8.45
C GLY A 435 19.12 -19.86 -7.37
N PRO A 436 19.69 -21.03 -7.76
CA PRO A 436 20.10 -22.06 -6.79
C PRO A 436 21.30 -21.65 -5.91
N ASP A 437 22.30 -21.03 -6.54
CA ASP A 437 23.54 -20.67 -5.88
C ASP A 437 23.25 -19.58 -4.83
N GLU A 438 22.48 -18.56 -5.22
CA GLU A 438 22.16 -17.44 -4.34
C GLU A 438 21.20 -17.91 -3.23
N TYR A 439 20.29 -18.83 -3.58
CA TYR A 439 19.38 -19.44 -2.61
C TYR A 439 20.18 -20.15 -1.51
N ARG A 440 21.13 -21.00 -1.93
CA ARG A 440 22.04 -21.72 -1.02
C ARG A 440 22.75 -20.73 -0.07
N ARG A 441 23.27 -19.63 -0.64
CA ARG A 441 24.07 -18.65 0.12
C ARG A 441 23.21 -17.93 1.15
N LEU A 442 21.98 -17.55 0.78
CA LEU A 442 21.07 -16.79 1.65
C LEU A 442 20.68 -17.60 2.89
N PHE A 443 20.60 -18.93 2.76
CA PHE A 443 20.11 -19.80 3.85
C PHE A 443 21.28 -20.50 4.56
N GLU A 444 22.51 -20.38 4.04
CA GLU A 444 23.69 -21.07 4.58
C GLU A 444 23.78 -20.84 6.09
N PRO A 445 23.59 -19.60 6.60
CA PRO A 445 23.64 -19.36 8.05
C PRO A 445 22.70 -20.20 8.93
N PHE A 446 21.65 -20.77 8.33
CA PHE A 446 20.61 -21.47 9.07
C PHE A 446 20.79 -22.99 8.99
N GLN A 447 21.82 -23.46 8.28
CA GLN A 447 22.00 -24.90 8.03
C GLN A 447 22.47 -25.59 9.31
N GLY A 448 21.80 -26.71 9.63
CA GLY A 448 22.01 -27.48 10.84
C GLY A 448 21.12 -27.02 12.00
N LEU A 449 20.46 -25.86 11.83
CA LEU A 449 19.74 -25.18 12.89
C LEU A 449 18.23 -25.19 12.63
N PHE A 450 17.82 -24.90 11.39
CA PHE A 450 16.42 -24.95 10.99
C PHE A 450 16.26 -25.79 9.71
N GLU A 451 15.02 -26.22 9.46
CA GLU A 451 14.62 -26.86 8.20
C GLU A 451 14.55 -25.80 7.09
N ILE A 452 15.32 -26.02 6.03
CA ILE A 452 15.35 -25.16 4.86
C ILE A 452 14.76 -25.94 3.68
N PRO A 453 13.66 -25.46 3.06
CA PRO A 453 13.11 -26.12 1.88
C PRO A 453 14.18 -26.23 0.80
N SER A 454 14.24 -27.39 0.13
CA SER A 454 15.16 -27.58 -0.98
C SER A 454 14.80 -26.58 -2.08
N TYR A 455 15.81 -26.20 -2.88
CA TYR A 455 15.60 -25.29 -3.99
C TYR A 455 14.67 -25.96 -5.00
N ARG A 456 14.92 -27.25 -5.25
CA ARG A 456 14.22 -28.02 -6.26
C ARG A 456 12.72 -28.07 -5.92
N SER A 457 12.37 -28.24 -4.65
CA SER A 457 10.95 -28.43 -4.27
C SER A 457 10.17 -27.14 -4.52
N LEU A 458 10.75 -25.99 -4.19
CA LEU A 458 10.08 -24.71 -4.39
C LEU A 458 10.05 -24.33 -5.89
N TYR A 459 11.05 -24.79 -6.66
CA TYR A 459 11.10 -24.52 -8.08
C TYR A 459 9.98 -25.28 -8.80
N LEU A 460 9.78 -26.55 -8.45
CA LEU A 460 8.70 -27.34 -9.05
C LEU A 460 7.34 -26.77 -8.62
N ARG A 461 7.21 -26.41 -7.34
CA ARG A 461 5.97 -25.80 -6.85
C ARG A 461 5.63 -24.58 -7.69
N TRP A 462 6.62 -23.72 -7.93
CA TRP A 462 6.43 -22.49 -8.68
C TRP A 462 6.05 -22.78 -10.14
N VAL A 463 6.70 -23.78 -10.75
CA VAL A 463 6.47 -24.12 -12.13
C VAL A 463 5.00 -24.54 -12.32
N ASN A 464 4.43 -25.23 -11.33
CA ASN A 464 3.00 -25.55 -11.31
C ASN A 464 2.16 -24.29 -11.11
N ALA A 465 2.57 -23.45 -10.16
CA ALA A 465 1.84 -22.22 -9.79
C ALA A 465 1.60 -21.32 -11.02
N VAL A 466 2.66 -21.12 -11.82
CA VAL A 466 2.58 -20.32 -13.05
C VAL A 466 2.04 -21.23 -14.17
N CYS A 467 0.78 -20.98 -14.56
CA CYS A 467 -0.01 -21.83 -15.49
C CYS A 467 -0.37 -23.17 -14.79
N GLY A 468 0.50 -24.18 -14.95
CA GLY A 468 0.26 -25.52 -14.38
C GLY A 468 0.59 -26.63 -15.37
N ASP A 469 0.28 -26.39 -16.65
CA ASP A 469 0.45 -27.37 -17.71
C ASP A 469 1.89 -27.33 -18.25
N ALA A 470 2.64 -26.26 -17.92
CA ALA A 470 4.08 -26.16 -18.18
C ALA A 470 4.84 -27.20 -17.34
N ALA A 471 4.32 -27.47 -16.12
CA ALA A 471 4.83 -28.53 -15.25
C ALA A 471 4.65 -29.90 -15.92
N ALA A 472 3.53 -30.06 -16.63
CA ALA A 472 3.12 -31.32 -17.26
C ALA A 472 3.83 -31.55 -18.61
N ALA A 473 5.06 -31.00 -18.76
CA ALA A 473 5.97 -31.37 -19.84
C ALA A 473 6.97 -32.42 -19.32
N LEU A 474 6.48 -33.66 -19.20
CA LEU A 474 7.28 -34.80 -18.71
C LEU A 474 7.98 -35.47 -19.89
N GLU A 475 9.23 -35.05 -20.16
CA GLU A 475 10.09 -35.62 -21.19
C GLU A 475 11.19 -36.45 -20.53
#